data_5NMK
#
_entry.id   5NMK
#
_cell.length_a   55.840
_cell.length_b   79.030
_cell.length_c   58.370
_cell.angle_alpha   90.00
_cell.angle_beta   116.11
_cell.angle_gamma   90.00
#
_symmetry.space_group_name_H-M   'P 1 21 1'
#
loop_
_entity.id
_entity.type
_entity.pdbx_description
1 polymer 'HLA class I histocompatibility antigen, A-2 alpha chain'
2 polymer Beta-2-microglobulin
3 polymer 'Gag protein'
4 non-polymer 1,2-ETHANEDIOL
5 non-polymer GLYCEROL
6 non-polymer 'SULFATE ION'
7 water water
#
loop_
_entity_poly.entity_id
_entity_poly.type
_entity_poly.pdbx_seq_one_letter_code
_entity_poly.pdbx_strand_id
1 'polypeptide(L)'
;GSHSMRYFFTSVSRPGRGEPRFIAVGYVDDTQFVRFDSDAASQRMEPRAPWIEQEGPEYWDGETRKVKAHSQTHRVDLGT
LRGYYNQSEAGSHTVQRMYGCDVGSDWRFLRGYHQYAYDGKDYIALKEDLRSWTAADMAAQTTKHKWEAAHVAEQLRAYL
EGTCVEWLRRYLENGKETLQRTDAPKTHMTHHAVSDHEATLRCWALSFYPAEITLTWQRDGEDQTQDTELVETRPAGDGT
FQKWAAVVVPSGQEQRYTCHVQHEGLPKPLTLRWEP
;
A
2 'polypeptide(L)'
;MIQRTPKIQVYSRHPAENGKSNFLNCYVSGFHPSDIEVDLLKNGERIEKVEHSDLSFSKDWSFYLLYYTEFTPTEKDEYA
CRVNHVTLSQPKIVKWDRDM
;
B
3 'polypeptide(L)' SLFNTIAVL C
#
# COMPACT_ATOMS: atom_id res chain seq x y z
N GLY A 1 1.70 16.65 13.03
CA GLY A 1 2.08 16.79 11.60
C GLY A 1 0.81 16.84 10.78
N SER A 2 0.98 16.79 9.48
N SER A 2 0.98 16.79 9.47
CA SER A 2 -0.15 16.68 8.54
CA SER A 2 -0.15 16.70 8.52
C SER A 2 -0.82 15.29 8.66
C SER A 2 -0.74 15.28 8.46
N HIS A 3 -2.01 15.18 8.09
CA HIS A 3 -2.75 13.91 8.12
C HIS A 3 -3.58 13.82 6.87
N SER A 4 -3.95 12.61 6.51
CA SER A 4 -4.86 12.36 5.41
C SER A 4 -5.86 11.27 5.65
N MET A 5 -6.99 11.37 4.94
CA MET A 5 -7.98 10.26 4.82
C MET A 5 -8.11 9.92 3.36
N ARG A 6 -7.91 8.66 3.03
CA ARG A 6 -7.97 8.24 1.62
C ARG A 6 -8.72 6.96 1.47
N TYR A 7 -9.57 6.88 0.45
CA TYR A 7 -10.26 5.65 0.11
C TYR A 7 -9.77 5.17 -1.27
N PHE A 8 -9.59 3.86 -1.38
CA PHE A 8 -9.08 3.20 -2.56
C PHE A 8 -10.10 2.16 -2.98
N PHE A 9 -10.41 2.12 -4.27
CA PHE A 9 -11.41 1.23 -4.82
C PHE A 9 -10.88 0.56 -6.05
N THR A 10 -11.01 -0.74 -6.11
CA THR A 10 -10.67 -1.52 -7.34
C THR A 10 -11.84 -2.38 -7.79
N SER A 11 -12.14 -2.38 -9.09
N SER A 11 -12.14 -2.35 -9.08
CA SER A 11 -13.18 -3.24 -9.65
CA SER A 11 -13.12 -3.26 -9.65
C SER A 11 -12.64 -3.92 -10.90
C SER A 11 -12.50 -3.95 -10.83
N VAL A 12 -12.71 -5.26 -10.91
CA VAL A 12 -12.12 -6.12 -11.96
C VAL A 12 -13.23 -6.93 -12.58
N SER A 13 -13.45 -6.73 -13.86
CA SER A 13 -14.51 -7.43 -14.59
C SER A 13 -14.21 -8.94 -14.69
N ARG A 14 -15.27 -9.74 -14.71
N ARG A 14 -15.29 -9.72 -14.76
CA ARG A 14 -15.14 -11.22 -14.74
CA ARG A 14 -15.21 -11.20 -14.80
C ARG A 14 -15.95 -11.72 -15.94
C ARG A 14 -15.99 -11.69 -15.99
N PRO A 15 -15.34 -11.68 -17.15
CA PRO A 15 -16.09 -12.10 -18.35
C PRO A 15 -16.70 -13.51 -18.37
N GLY A 16 -16.14 -14.49 -17.65
CA GLY A 16 -16.65 -15.84 -17.70
C GLY A 16 -18.01 -16.01 -17.02
N ARG A 17 -18.17 -15.29 -15.95
CA ARG A 17 -19.39 -15.39 -15.15
C ARG A 17 -19.43 -14.32 -14.10
N GLY A 18 -20.63 -13.73 -13.94
CA GLY A 18 -20.88 -12.90 -12.79
C GLY A 18 -20.48 -11.44 -12.86
N GLU A 19 -20.48 -10.77 -11.72
CA GLU A 19 -20.24 -9.34 -11.66
C GLU A 19 -18.78 -9.07 -11.33
N PRO A 20 -18.34 -7.81 -11.48
CA PRO A 20 -16.94 -7.48 -11.18
C PRO A 20 -16.61 -7.71 -9.71
N ARG A 21 -15.41 -8.18 -9.44
CA ARG A 21 -14.89 -8.22 -8.09
C ARG A 21 -14.60 -6.80 -7.70
N PHE A 22 -15.12 -6.37 -6.55
CA PHE A 22 -14.91 -5.03 -6.04
C PHE A 22 -14.32 -5.07 -4.63
N ILE A 23 -13.24 -4.32 -4.44
CA ILE A 23 -12.55 -4.17 -3.16
C ILE A 23 -12.32 -2.73 -2.84
N ALA A 24 -12.75 -2.31 -1.65
CA ALA A 24 -12.57 -0.92 -1.21
C ALA A 24 -11.84 -1.00 0.15
N VAL A 25 -10.89 -0.09 0.34
CA VAL A 25 -10.17 0.04 1.60
C VAL A 25 -10.04 1.54 1.93
N GLY A 26 -10.10 1.82 3.23
CA GLY A 26 -10.00 3.19 3.70
C GLY A 26 -8.83 3.30 4.67
N TYR A 27 -8.06 4.39 4.52
CA TYR A 27 -6.89 4.69 5.35
C TYR A 27 -6.98 6.02 6.03
N VAL A 28 -6.45 6.10 7.25
CA VAL A 28 -6.10 7.42 7.80
C VAL A 28 -4.57 7.35 7.88
N ASP A 29 -3.88 8.31 7.30
CA ASP A 29 -2.41 8.27 7.22
C ASP A 29 -2.01 6.87 6.64
N ASP A 30 -1.13 6.14 7.35
CA ASP A 30 -0.71 4.81 6.90
C ASP A 30 -1.44 3.66 7.60
N THR A 31 -2.63 3.93 8.18
CA THR A 31 -3.41 2.97 8.94
C THR A 31 -4.70 2.60 8.20
N GLN A 32 -4.83 1.35 7.82
CA GLN A 32 -6.12 0.86 7.25
C GLN A 32 -7.17 0.78 8.35
N PHE A 33 -8.39 1.24 8.08
CA PHE A 33 -9.41 1.21 9.12
C PHE A 33 -10.71 0.54 8.70
N VAL A 34 -10.95 0.44 7.41
CA VAL A 34 -12.15 -0.23 6.95
C VAL A 34 -11.85 -0.96 5.65
N ARG A 35 -12.66 -1.96 5.36
CA ARG A 35 -12.62 -2.66 4.05
C ARG A 35 -14.02 -3.13 3.63
N PHE A 36 -14.19 -3.30 2.35
CA PHE A 36 -15.32 -3.99 1.79
C PHE A 36 -14.84 -4.91 0.69
N ASP A 37 -15.33 -6.11 0.67
CA ASP A 37 -14.97 -7.01 -0.47
C ASP A 37 -16.29 -7.62 -0.97
N SER A 38 -16.58 -7.46 -2.26
CA SER A 38 -17.85 -7.91 -2.81
C SER A 38 -18.01 -9.43 -2.73
N ASP A 39 -16.90 -10.15 -2.63
CA ASP A 39 -16.97 -11.59 -2.52
C ASP A 39 -17.08 -12.13 -1.10
N ALA A 40 -16.94 -11.29 -0.07
CA ALA A 40 -17.02 -11.76 1.30
C ALA A 40 -18.48 -12.00 1.67
N ALA A 41 -18.69 -12.88 2.65
CA ALA A 41 -20.02 -13.29 3.10
C ALA A 41 -20.81 -12.18 3.73
N SER A 42 -20.16 -11.36 4.53
CA SER A 42 -20.86 -10.32 5.30
C SER A 42 -21.68 -9.37 4.42
N GLN A 43 -21.18 -9.06 3.21
CA GLN A 43 -21.73 -7.98 2.38
C GLN A 43 -21.89 -6.66 3.18
N ARG A 44 -20.95 -6.43 4.08
CA ARG A 44 -20.93 -5.20 4.88
C ARG A 44 -19.57 -4.57 4.88
N MET A 45 -19.53 -3.24 5.03
CA MET A 45 -18.27 -2.57 5.42
C MET A 45 -17.79 -3.16 6.77
N GLU A 46 -16.50 -3.48 6.85
CA GLU A 46 -15.93 -4.11 8.03
C GLU A 46 -14.79 -3.27 8.62
N PRO A 47 -14.71 -3.25 9.97
CA PRO A 47 -13.61 -2.59 10.64
C PRO A 47 -12.29 -3.30 10.50
N ARG A 48 -11.23 -2.51 10.42
CA ARG A 48 -9.86 -3.03 10.33
C ARG A 48 -8.89 -2.31 11.30
N ALA A 49 -9.44 -1.44 12.14
CA ALA A 49 -8.71 -0.85 13.29
C ALA A 49 -9.63 -0.79 14.48
N PRO A 50 -9.09 -0.97 15.67
CA PRO A 50 -9.98 -1.03 16.88
C PRO A 50 -10.81 0.22 17.13
N TRP A 51 -10.24 1.38 16.81
CA TRP A 51 -10.84 2.67 17.08
C TRP A 51 -12.05 2.99 16.22
N ILE A 52 -12.22 2.29 15.11
CA ILE A 52 -13.44 2.49 14.32
C ILE A 52 -14.60 1.66 14.89
N GLU A 53 -14.29 0.64 15.69
CA GLU A 53 -15.31 -0.24 16.21
C GLU A 53 -16.26 0.51 17.13
N GLN A 54 -15.83 1.61 17.72
CA GLN A 54 -16.81 2.37 18.54
C GLN A 54 -17.88 3.12 17.75
N GLU A 55 -17.83 3.15 16.41
CA GLU A 55 -18.90 3.74 15.65
C GLU A 55 -20.15 2.84 15.76
N GLY A 56 -21.31 3.46 15.91
CA GLY A 56 -22.54 2.73 16.12
C GLY A 56 -23.15 2.17 14.85
N PRO A 57 -24.27 1.49 14.98
CA PRO A 57 -24.87 0.78 13.82
C PRO A 57 -25.27 1.67 12.66
N GLU A 58 -25.70 2.89 12.94
CA GLU A 58 -26.08 3.77 11.86
C GLU A 58 -24.86 4.11 10.94
N TYR A 59 -23.70 4.20 11.58
CA TYR A 59 -22.43 4.35 10.82
C TYR A 59 -22.20 3.20 9.85
N TRP A 60 -22.19 1.98 10.38
CA TRP A 60 -21.96 0.78 9.55
C TRP A 60 -22.97 0.61 8.49
N ASP A 61 -24.22 0.92 8.83
CA ASP A 61 -25.30 0.83 7.82
C ASP A 61 -25.05 1.81 6.65
N GLY A 62 -24.68 3.03 6.99
CA GLY A 62 -24.53 4.10 6.02
C GLY A 62 -23.28 3.79 5.20
N GLU A 63 -22.23 3.32 5.83
CA GLU A 63 -21.01 3.08 5.01
C GLU A 63 -21.22 1.91 4.07
N THR A 64 -21.93 0.91 4.54
CA THR A 64 -22.32 -0.25 3.70
C THR A 64 -23.18 0.17 2.52
N ARG A 65 -24.19 0.98 2.75
CA ARG A 65 -25.05 1.48 1.66
C ARG A 65 -24.18 2.24 0.62
N LYS A 66 -23.31 3.15 1.10
CA LYS A 66 -22.44 3.95 0.21
C LYS A 66 -21.45 3.12 -0.55
N VAL A 67 -20.83 2.14 0.12
CA VAL A 67 -19.75 1.40 -0.57
C VAL A 67 -20.37 0.49 -1.66
N LYS A 68 -21.55 0.01 -1.38
CA LYS A 68 -22.26 -0.83 -2.35
C LYS A 68 -22.70 0.04 -3.55
N ALA A 69 -23.12 1.29 -3.27
CA ALA A 69 -23.40 2.26 -4.37
C ALA A 69 -22.15 2.50 -5.21
N HIS A 70 -21.02 2.65 -4.57
CA HIS A 70 -19.78 2.80 -5.29
C HIS A 70 -19.49 1.59 -6.20
N SER A 71 -19.70 0.39 -5.67
CA SER A 71 -19.47 -0.86 -6.49
C SER A 71 -20.32 -0.86 -7.78
N GLN A 72 -21.56 -0.39 -7.68
CA GLN A 72 -22.43 -0.27 -8.86
C GLN A 72 -21.96 0.77 -9.88
N THR A 73 -21.55 1.93 -9.41
CA THR A 73 -20.95 2.91 -10.29
C THR A 73 -19.77 2.34 -11.04
N HIS A 74 -18.91 1.59 -10.35
CA HIS A 74 -17.74 1.01 -11.01
C HIS A 74 -18.16 -0.05 -12.01
N ARG A 75 -19.21 -0.82 -11.70
CA ARG A 75 -19.69 -1.80 -12.64
C ARG A 75 -20.13 -1.11 -13.96
N VAL A 76 -20.96 -0.06 -13.82
CA VAL A 76 -21.49 0.68 -14.97
C VAL A 76 -20.29 1.22 -15.76
N ASP A 77 -19.34 1.81 -15.05
CA ASP A 77 -18.11 2.41 -15.69
C ASP A 77 -17.34 1.42 -16.50
N LEU A 78 -17.20 0.20 -15.99
CA LEU A 78 -16.49 -0.86 -16.76
C LEU A 78 -17.18 -1.12 -18.10
N GLY A 79 -18.52 -1.09 -18.11
CA GLY A 79 -19.24 -1.15 -19.38
C GLY A 79 -19.04 0.00 -20.33
N THR A 80 -19.09 1.21 -19.81
CA THR A 80 -18.92 2.43 -20.57
C THR A 80 -17.56 2.46 -21.19
N LEU A 81 -16.58 2.14 -20.37
CA LEU A 81 -15.16 2.15 -20.82
C LEU A 81 -14.85 1.11 -21.90
N ARG A 82 -15.35 -0.09 -21.77
CA ARG A 82 -15.15 -1.11 -22.82
C ARG A 82 -15.68 -0.59 -24.16
N GLY A 83 -16.83 0.12 -24.14
CA GLY A 83 -17.40 0.82 -25.33
C GLY A 83 -16.51 1.98 -25.81
N TYR A 84 -16.05 2.86 -24.92
CA TYR A 84 -15.18 3.97 -25.34
C TYR A 84 -13.91 3.45 -25.97
N TYR A 85 -13.36 2.35 -25.45
CA TYR A 85 -12.07 1.84 -25.98
C TYR A 85 -12.26 0.76 -27.03
N ASN A 86 -13.50 0.49 -27.42
CA ASN A 86 -13.78 -0.47 -28.50
C ASN A 86 -13.14 -1.83 -28.18
N GLN A 87 -13.30 -2.27 -26.94
CA GLN A 87 -12.72 -3.55 -26.51
C GLN A 87 -13.76 -4.68 -26.59
N SER A 88 -13.33 -5.92 -26.73
CA SER A 88 -14.34 -7.02 -26.75
C SER A 88 -14.79 -7.32 -25.33
N GLU A 89 -15.92 -8.01 -25.27
CA GLU A 89 -16.50 -8.50 -24.03
C GLU A 89 -15.76 -9.66 -23.41
N ALA A 90 -14.72 -10.16 -24.08
CA ALA A 90 -14.00 -11.34 -23.65
C ALA A 90 -12.96 -11.15 -22.59
N GLY A 91 -12.32 -9.98 -22.55
CA GLY A 91 -11.24 -9.75 -21.63
C GLY A 91 -11.71 -9.14 -20.30
N SER A 92 -10.90 -9.35 -19.27
CA SER A 92 -11.07 -8.73 -17.97
C SER A 92 -10.39 -7.36 -17.97
N HIS A 93 -11.01 -6.37 -17.35
CA HIS A 93 -10.47 -5.04 -17.25
C HIS A 93 -10.63 -4.51 -15.85
N THR A 94 -9.95 -3.40 -15.56
CA THR A 94 -9.84 -2.88 -14.21
C THR A 94 -10.12 -1.39 -14.16
N VAL A 95 -10.94 -0.96 -13.19
CA VAL A 95 -11.00 0.42 -12.87
C VAL A 95 -10.49 0.62 -11.43
N GLN A 96 -9.77 1.72 -11.20
CA GLN A 96 -9.24 2.05 -9.87
C GLN A 96 -9.56 3.48 -9.56
N ARG A 97 -9.98 3.79 -8.34
CA ARG A 97 -10.35 5.15 -7.95
C ARG A 97 -9.73 5.41 -6.57
N MET A 98 -9.22 6.62 -6.35
CA MET A 98 -8.75 7.04 -5.02
C MET A 98 -9.26 8.43 -4.77
N TYR A 99 -9.85 8.71 -3.60
CA TYR A 99 -10.18 10.09 -3.29
C TYR A 99 -9.90 10.32 -1.82
N GLY A 100 -9.82 11.57 -1.44
CA GLY A 100 -9.61 11.87 -0.02
C GLY A 100 -9.11 13.29 0.16
N CYS A 101 -8.67 13.59 1.39
CA CYS A 101 -8.30 14.91 1.76
C CYS A 101 -7.08 14.85 2.66
N ASP A 102 -6.27 15.89 2.55
CA ASP A 102 -5.19 16.15 3.49
C ASP A 102 -5.57 17.35 4.35
N VAL A 103 -5.14 17.28 5.62
CA VAL A 103 -5.08 18.44 6.45
C VAL A 103 -3.63 18.71 6.86
N GLY A 104 -3.43 19.95 7.29
CA GLY A 104 -2.18 20.37 7.78
C GLY A 104 -2.03 20.05 9.25
N SER A 105 -0.91 20.47 9.82
CA SER A 105 -0.58 20.25 11.21
C SER A 105 -1.55 20.99 12.13
N ASP A 106 -2.23 22.01 11.60
CA ASP A 106 -3.33 22.65 12.32
C ASP A 106 -4.71 21.90 12.19
N TRP A 107 -4.72 20.75 11.49
CA TRP A 107 -5.89 19.93 11.20
C TRP A 107 -6.96 20.64 10.36
N ARG A 108 -6.55 21.62 9.56
CA ARG A 108 -7.46 22.32 8.66
C ARG A 108 -7.17 21.89 7.26
N PHE A 109 -8.18 21.97 6.43
CA PHE A 109 -8.07 21.57 5.05
C PHE A 109 -6.82 22.12 4.29
N LEU A 110 -6.11 21.20 3.66
CA LEU A 110 -4.92 21.52 2.87
C LEU A 110 -5.17 21.23 1.39
N ARG A 111 -5.65 20.05 1.08
CA ARG A 111 -5.89 19.71 -0.33
C ARG A 111 -6.83 18.51 -0.44
N GLY A 112 -7.52 18.41 -1.59
CA GLY A 112 -8.40 17.29 -1.88
C GLY A 112 -8.03 16.71 -3.21
N TYR A 113 -8.41 15.46 -3.42
CA TYR A 113 -8.10 14.80 -4.67
C TYR A 113 -9.13 13.74 -4.99
N HIS A 114 -9.24 13.40 -6.27
CA HIS A 114 -10.16 12.39 -6.71
C HIS A 114 -9.64 11.97 -8.11
N GLN A 115 -9.04 10.79 -8.17
CA GLN A 115 -8.35 10.28 -9.36
C GLN A 115 -8.97 8.94 -9.79
N TYR A 116 -8.97 8.65 -11.09
CA TYR A 116 -9.54 7.44 -11.65
C TYR A 116 -8.59 6.87 -12.72
N ALA A 117 -8.41 5.55 -12.75
CA ALA A 117 -7.55 4.88 -13.72
C ALA A 117 -8.31 3.79 -14.39
N TYR A 118 -7.96 3.48 -15.66
CA TYR A 118 -8.52 2.34 -16.33
C TYR A 118 -7.39 1.51 -16.86
N ASP A 119 -7.45 0.22 -16.61
CA ASP A 119 -6.37 -0.72 -16.93
C ASP A 119 -4.98 -0.23 -16.52
N GLY A 120 -4.95 0.35 -15.33
CA GLY A 120 -3.69 0.73 -14.70
C GLY A 120 -3.03 2.02 -15.22
N LYS A 121 -3.74 2.82 -16.01
CA LYS A 121 -3.27 4.10 -16.41
C LYS A 121 -4.24 5.21 -16.07
N ASP A 122 -3.69 6.38 -15.87
CA ASP A 122 -4.52 7.55 -15.60
C ASP A 122 -5.68 7.67 -16.59
N TYR A 123 -6.85 7.99 -16.06
CA TYR A 123 -8.02 8.26 -16.90
C TYR A 123 -8.46 9.69 -16.69
N ILE A 124 -8.96 10.02 -15.49
CA ILE A 124 -9.40 11.42 -15.27
C ILE A 124 -9.14 11.74 -13.81
N ALA A 125 -8.81 12.99 -13.55
CA ALA A 125 -8.47 13.41 -12.17
C ALA A 125 -9.02 14.79 -11.92
N LEU A 126 -9.45 15.05 -10.70
CA LEU A 126 -9.87 16.39 -10.30
C LEU A 126 -8.65 17.28 -10.10
N LYS A 127 -8.70 18.50 -10.62
CA LYS A 127 -7.58 19.43 -10.41
C LYS A 127 -7.61 19.96 -8.99
N GLU A 128 -6.47 20.51 -8.60
CA GLU A 128 -6.28 20.97 -7.25
C GLU A 128 -7.32 22.03 -6.84
N ASP A 129 -7.83 22.83 -7.79
CA ASP A 129 -8.87 23.81 -7.48
C ASP A 129 -10.22 23.17 -7.15
N LEU A 130 -10.35 21.88 -7.41
CA LEU A 130 -11.56 21.15 -7.14
C LEU A 130 -12.78 21.62 -7.96
N ARG A 131 -12.50 22.21 -9.11
CA ARG A 131 -13.59 22.77 -9.95
C ARG A 131 -13.57 22.26 -11.37
N SER A 132 -12.49 21.63 -11.80
CA SER A 132 -12.41 21.13 -13.18
C SER A 132 -11.57 19.85 -13.17
N TRP A 133 -11.54 19.18 -14.32
CA TRP A 133 -10.97 17.86 -14.43
C TRP A 133 -9.86 17.84 -15.49
N THR A 134 -8.89 16.94 -15.29
CA THR A 134 -7.84 16.64 -16.27
C THR A 134 -8.04 15.22 -16.84
N ALA A 135 -8.17 15.15 -18.17
CA ALA A 135 -8.39 13.91 -18.90
C ALA A 135 -7.07 13.51 -19.59
N ALA A 136 -6.68 12.23 -19.48
CA ALA A 136 -5.41 11.75 -20.08
C ALA A 136 -5.50 11.49 -21.54
N ASP A 137 -6.68 11.15 -22.07
CA ASP A 137 -6.83 10.88 -23.48
C ASP A 137 -8.21 11.34 -23.99
N MET A 138 -8.52 11.01 -25.23
CA MET A 138 -9.77 11.53 -25.87
C MET A 138 -11.00 10.83 -25.35
N ALA A 139 -10.88 9.59 -24.88
CA ALA A 139 -12.03 8.99 -24.19
C ALA A 139 -12.36 9.72 -22.89
N ALA A 140 -11.34 9.96 -22.08
CA ALA A 140 -11.54 10.67 -20.82
C ALA A 140 -11.97 12.10 -21.07
N GLN A 141 -11.60 12.64 -22.22
CA GLN A 141 -11.99 14.01 -22.56
C GLN A 141 -13.53 14.14 -22.67
N THR A 142 -14.15 13.09 -23.18
CA THR A 142 -15.60 13.07 -23.27
C THR A 142 -16.17 13.09 -21.85
N THR A 143 -15.60 12.29 -20.94
CA THR A 143 -16.01 12.33 -19.54
C THR A 143 -15.84 13.74 -18.95
N LYS A 144 -14.68 14.34 -19.19
CA LYS A 144 -14.39 15.67 -18.65
C LYS A 144 -15.48 16.65 -19.07
N HIS A 145 -15.79 16.70 -20.38
CA HIS A 145 -16.79 17.64 -20.86
C HIS A 145 -18.17 17.36 -20.27
N LYS A 146 -18.51 16.09 -20.12
CA LYS A 146 -19.81 15.70 -19.51
C LYS A 146 -19.93 16.14 -18.08
N TRP A 147 -18.88 15.86 -17.30
CA TRP A 147 -18.86 16.18 -15.88
C TRP A 147 -18.79 17.67 -15.62
N GLU A 148 -18.11 18.41 -16.50
CA GLU A 148 -18.03 19.87 -16.37
C GLU A 148 -19.41 20.47 -16.67
N ALA A 149 -20.08 19.97 -17.71
CA ALA A 149 -21.40 20.46 -18.05
C ALA A 149 -22.40 20.16 -16.94
N ALA A 150 -22.27 19.01 -16.32
CA ALA A 150 -23.20 18.57 -15.29
C ALA A 150 -22.84 19.11 -13.88
N HIS A 151 -21.72 19.81 -13.72
CA HIS A 151 -21.22 20.29 -12.40
C HIS A 151 -21.03 19.19 -11.39
N VAL A 152 -20.46 18.08 -11.84
CA VAL A 152 -20.22 16.92 -11.00
C VAL A 152 -19.29 17.32 -9.84
N ALA A 153 -18.38 18.27 -10.06
CA ALA A 153 -17.38 18.60 -9.07
C ALA A 153 -17.95 19.33 -7.87
N GLU A 154 -19.09 20.01 -7.97
CA GLU A 154 -19.44 20.86 -6.83
C GLU A 154 -19.86 20.12 -5.56
N GLN A 155 -20.57 19.00 -5.68
CA GLN A 155 -20.90 18.22 -4.48
C GLN A 155 -19.65 17.53 -3.96
N LEU A 156 -18.82 17.08 -4.88
CA LEU A 156 -17.52 16.45 -4.51
C LEU A 156 -16.58 17.43 -3.77
N ARG A 157 -16.47 18.63 -4.29
CA ARG A 157 -15.70 19.69 -3.64
C ARG A 157 -16.19 19.95 -2.22
N ALA A 158 -17.51 20.04 -2.09
CA ALA A 158 -18.04 20.28 -0.76
C ALA A 158 -17.68 19.12 0.22
N TYR A 159 -17.69 17.88 -0.27
CA TYR A 159 -17.26 16.74 0.50
C TYR A 159 -15.78 16.85 0.86
N LEU A 160 -14.95 17.12 -0.14
CA LEU A 160 -13.48 17.03 0.11
C LEU A 160 -13.01 18.12 1.07
N GLU A 161 -13.63 19.31 0.99
CA GLU A 161 -13.27 20.46 1.81
C GLU A 161 -13.91 20.44 3.19
N GLY A 162 -15.03 19.76 3.34
CA GLY A 162 -15.91 19.88 4.53
C GLY A 162 -15.99 18.52 5.21
N THR A 163 -16.88 17.71 4.68
CA THR A 163 -17.18 16.41 5.25
C THR A 163 -15.96 15.53 5.49
N CYS A 164 -15.09 15.44 4.51
CA CYS A 164 -13.93 14.58 4.59
C CYS A 164 -13.07 15.02 5.80
N VAL A 165 -12.89 16.33 5.95
CA VAL A 165 -12.03 16.87 6.98
C VAL A 165 -12.65 16.63 8.35
N GLU A 166 -13.95 16.81 8.43
CA GLU A 166 -14.63 16.63 9.71
C GLU A 166 -14.49 15.20 10.23
N TRP A 167 -14.67 14.23 9.33
CA TRP A 167 -14.50 12.83 9.65
C TRP A 167 -13.06 12.51 9.99
N LEU A 168 -12.11 13.01 9.20
CA LEU A 168 -10.71 12.76 9.48
C LEU A 168 -10.40 13.23 10.89
N ARG A 169 -10.90 14.40 11.26
CA ARG A 169 -10.60 14.92 12.62
C ARG A 169 -11.22 14.06 13.74
N ARG A 170 -12.45 13.58 13.48
CA ARG A 170 -13.11 12.67 14.40
C ARG A 170 -12.28 11.40 14.59
N TYR A 171 -11.81 10.85 13.46
CA TYR A 171 -10.99 9.60 13.54
C TYR A 171 -9.69 9.80 14.28
N LEU A 172 -9.06 10.94 14.02
CA LEU A 172 -7.79 11.26 14.70
C LEU A 172 -7.91 11.31 16.21
N GLU A 173 -8.99 11.87 16.69
CA GLU A 173 -9.22 11.95 18.09
C GLU A 173 -9.67 10.59 18.69
N ASN A 174 -10.61 9.89 18.05
CA ASN A 174 -11.02 8.60 18.53
C ASN A 174 -9.89 7.56 18.46
N GLY A 175 -9.00 7.67 17.48
CA GLY A 175 -7.82 6.81 17.33
C GLY A 175 -6.55 7.39 17.92
N LYS A 176 -6.66 8.36 18.83
CA LYS A 176 -5.52 9.15 19.25
C LYS A 176 -4.28 8.35 19.70
N GLU A 177 -4.52 7.29 20.46
CA GLU A 177 -3.43 6.51 21.09
C GLU A 177 -2.52 5.87 20.09
N THR A 178 -3.01 5.63 18.86
CA THR A 178 -2.16 5.18 17.78
C THR A 178 -1.95 6.20 16.66
N LEU A 179 -3.05 6.80 16.14
CA LEU A 179 -2.97 7.68 15.02
C LEU A 179 -2.09 8.98 15.26
N GLN A 180 -2.07 9.47 16.49
CA GLN A 180 -1.27 10.63 16.86
C GLN A 180 0.05 10.25 17.51
N ARG A 181 0.42 8.97 17.47
CA ARG A 181 1.73 8.49 18.01
C ARG A 181 2.64 8.19 16.85
N THR A 182 3.88 8.64 16.93
CA THR A 182 4.88 8.22 15.99
C THR A 182 5.68 7.12 16.64
N ASP A 183 6.07 6.16 15.84
CA ASP A 183 6.96 5.09 16.29
C ASP A 183 8.28 5.28 15.59
N ALA A 184 9.28 5.77 16.33
CA ALA A 184 10.62 5.95 15.77
C ALA A 184 11.24 4.65 15.40
N PRO A 185 12.07 4.64 14.36
CA PRO A 185 12.69 3.37 13.96
C PRO A 185 13.61 2.84 15.08
N LYS A 186 13.56 1.53 15.27
CA LYS A 186 14.45 0.85 16.15
C LYS A 186 15.58 0.38 15.24
N THR A 187 16.77 0.83 15.47
CA THR A 187 17.82 0.64 14.50
C THR A 187 18.94 -0.22 15.02
N HIS A 188 19.58 -0.93 14.12
CA HIS A 188 20.81 -1.63 14.45
C HIS A 188 21.56 -1.93 13.18
N MET A 189 22.81 -2.37 13.34
CA MET A 189 23.65 -2.67 12.21
C MET A 189 24.12 -4.11 12.29
N THR A 190 24.24 -4.76 11.14
CA THR A 190 24.80 -6.11 11.05
C THR A 190 25.98 -6.07 10.10
N HIS A 191 26.84 -7.04 10.27
CA HIS A 191 28.09 -7.12 9.57
C HIS A 191 28.22 -8.51 9.00
N HIS A 192 28.66 -8.63 7.77
CA HIS A 192 28.64 -9.94 7.10
C HIS A 192 29.93 -9.98 6.30
N ALA A 193 30.82 -10.92 6.60
CA ALA A 193 32.04 -11.08 5.85
C ALA A 193 31.66 -11.66 4.48
N VAL A 194 32.14 -11.03 3.42
CA VAL A 194 31.83 -11.50 2.08
C VAL A 194 32.98 -12.35 1.63
N SER A 195 34.22 -11.87 1.85
CA SER A 195 35.46 -12.56 1.62
C SER A 195 36.48 -12.17 2.71
N ASP A 196 37.71 -12.60 2.60
CA ASP A 196 38.77 -12.08 3.48
C ASP A 196 39.03 -10.54 3.33
N HIS A 197 38.55 -9.91 2.26
CA HIS A 197 38.92 -8.55 1.95
C HIS A 197 37.74 -7.62 1.88
N GLU A 198 36.52 -8.12 1.92
CA GLU A 198 35.36 -7.23 1.84
C GLU A 198 34.23 -7.72 2.73
N ALA A 199 33.50 -6.76 3.27
CA ALA A 199 32.38 -7.02 4.16
C ALA A 199 31.18 -6.23 3.74
N THR A 200 30.01 -6.65 4.19
CA THR A 200 28.76 -5.92 4.01
C THR A 200 28.27 -5.42 5.35
N LEU A 201 27.93 -4.14 5.43
CA LEU A 201 27.32 -3.54 6.61
C LEU A 201 25.89 -3.33 6.21
N ARG A 202 24.93 -3.71 7.05
CA ARG A 202 23.52 -3.54 6.72
C ARG A 202 22.91 -2.77 7.87
N CYS A 203 22.31 -1.64 7.58
CA CYS A 203 21.70 -0.75 8.58
C CYS A 203 20.18 -1.03 8.53
N TRP A 204 19.59 -1.34 9.68
CA TRP A 204 18.18 -1.78 9.82
C TRP A 204 17.38 -0.73 10.52
N ALA A 205 16.22 -0.43 9.96
CA ALA A 205 15.20 0.35 10.65
C ALA A 205 13.93 -0.52 10.79
N LEU A 206 13.49 -0.73 12.02
CA LEU A 206 12.44 -1.67 12.35
C LEU A 206 11.37 -0.99 13.18
N SER A 207 10.18 -1.47 12.94
CA SER A 207 9.02 -1.17 13.77
C SER A 207 8.68 0.35 13.85
N PHE A 208 8.75 1.01 12.73
CA PHE A 208 8.44 2.44 12.63
C PHE A 208 7.07 2.70 12.03
N TYR A 209 6.62 3.91 12.33
CA TYR A 209 5.38 4.49 11.82
C TYR A 209 5.43 5.98 11.96
N PRO A 210 5.06 6.74 10.93
CA PRO A 210 4.56 6.26 9.62
C PRO A 210 5.64 5.71 8.70
N ALA A 211 5.23 5.31 7.52
CA ALA A 211 6.12 4.58 6.61
C ALA A 211 7.22 5.40 6.02
N GLU A 212 7.01 6.71 5.85
CA GLU A 212 8.05 7.59 5.26
C GLU A 212 9.37 7.60 6.09
N ILE A 213 10.48 7.31 5.43
CA ILE A 213 11.79 7.22 6.09
C ILE A 213 12.88 7.41 5.04
N THR A 214 14.04 7.89 5.46
CA THR A 214 15.20 8.01 4.60
C THR A 214 16.38 7.36 5.31
N LEU A 215 17.06 6.45 4.59
CA LEU A 215 18.29 5.81 5.06
C LEU A 215 19.32 6.13 4.03
N THR A 216 20.46 6.68 4.46
CA THR A 216 21.58 7.02 3.57
C THR A 216 22.87 6.60 4.16
N TRP A 217 23.81 6.16 3.32
CA TRP A 217 25.16 5.81 3.79
C TRP A 217 26.13 6.95 3.41
N GLN A 218 27.06 7.24 4.32
CA GLN A 218 28.13 8.13 4.04
C GLN A 218 29.45 7.43 4.29
N ARG A 219 30.45 7.83 3.48
CA ARG A 219 31.85 7.46 3.68
C ARG A 219 32.67 8.71 3.98
N ASP A 220 33.33 8.75 5.14
CA ASP A 220 34.06 9.93 5.63
C ASP A 220 33.21 11.19 5.46
N GLY A 221 31.93 11.10 5.83
CA GLY A 221 31.02 12.23 5.82
C GLY A 221 30.52 12.72 4.47
N GLU A 222 30.72 11.94 3.40
CA GLU A 222 30.09 12.18 2.11
C GLU A 222 29.16 11.05 1.66
N ASP A 223 28.00 11.43 1.14
CA ASP A 223 26.98 10.48 0.61
C ASP A 223 27.60 9.51 -0.37
N GLN A 224 27.36 8.22 -0.15
CA GLN A 224 27.82 7.16 -1.02
C GLN A 224 26.61 6.38 -1.53
N THR A 225 26.65 6.22 -2.85
CA THR A 225 25.66 5.53 -3.65
C THR A 225 26.20 4.24 -4.29
N GLN A 226 27.38 4.27 -4.84
CA GLN A 226 27.94 3.04 -5.36
C GLN A 226 28.18 2.03 -4.26
N ASP A 227 28.08 0.74 -4.62
CA ASP A 227 28.35 -0.37 -3.72
C ASP A 227 27.34 -0.39 -2.57
N THR A 228 26.16 0.13 -2.84
CA THR A 228 25.07 0.12 -1.86
C THR A 228 23.83 -0.55 -2.40
N GLU A 229 22.96 -0.93 -1.48
CA GLU A 229 21.69 -1.54 -1.82
C GLU A 229 20.64 -1.07 -0.80
N LEU A 230 19.44 -0.76 -1.26
CA LEU A 230 18.34 -0.28 -0.39
C LEU A 230 17.15 -1.14 -0.78
N VAL A 231 16.38 -1.62 0.16
CA VAL A 231 15.12 -2.29 -0.19
C VAL A 231 13.95 -1.35 -0.04
N GLU A 232 12.88 -1.65 -0.75
CA GLU A 232 11.66 -0.88 -0.56
C GLU A 232 11.11 -1.05 0.84
N THR A 233 10.59 0.04 1.38
CA THR A 233 9.88 0.00 2.68
C THR A 233 8.75 -1.03 2.61
N ARG A 234 8.67 -1.86 3.65
CA ARG A 234 7.82 -3.04 3.66
C ARG A 234 7.06 -3.11 4.95
N PRO A 235 5.83 -3.64 4.89
CA PRO A 235 5.06 -3.77 6.07
C PRO A 235 5.49 -4.91 6.98
N ALA A 236 5.54 -4.69 8.27
CA ALA A 236 5.85 -5.80 9.21
C ALA A 236 4.66 -6.76 9.45
N GLY A 237 3.44 -6.25 9.26
CA GLY A 237 2.21 -6.96 9.46
C GLY A 237 1.43 -6.57 10.68
N ASP A 238 2.07 -5.81 11.55
CA ASP A 238 1.51 -5.38 12.81
C ASP A 238 1.24 -3.87 12.81
N GLY A 239 1.13 -3.30 11.63
CA GLY A 239 0.91 -1.88 11.44
C GLY A 239 2.13 -0.98 11.32
N THR A 240 3.32 -1.52 11.57
CA THR A 240 4.56 -0.82 11.41
C THR A 240 5.30 -1.25 10.17
N PHE A 241 6.44 -0.60 9.96
CA PHE A 241 7.21 -0.78 8.74
C PHE A 241 8.65 -1.10 9.03
N GLN A 242 9.31 -1.61 7.98
CA GLN A 242 10.71 -2.04 8.02
C GLN A 242 11.45 -1.53 6.80
N LYS A 243 12.77 -1.30 6.94
CA LYS A 243 13.62 -1.00 5.78
C LYS A 243 15.05 -1.30 6.14
N TRP A 244 15.88 -1.59 5.15
CA TRP A 244 17.31 -1.65 5.41
C TRP A 244 18.06 -1.16 4.23
N ALA A 245 19.31 -0.77 4.51
CA ALA A 245 20.23 -0.29 3.50
C ALA A 245 21.55 -0.93 3.78
N ALA A 246 22.30 -1.31 2.76
CA ALA A 246 23.57 -1.95 2.99
C ALA A 246 24.63 -1.33 2.08
N VAL A 247 25.85 -1.49 2.52
CA VAL A 247 27.05 -1.03 1.82
C VAL A 247 28.16 -2.12 1.91
N VAL A 248 28.92 -2.31 0.81
CA VAL A 248 30.02 -3.21 0.80
C VAL A 248 31.30 -2.39 0.99
N VAL A 249 32.17 -2.83 1.91
CA VAL A 249 33.34 -2.04 2.31
C VAL A 249 34.58 -2.91 2.40
N PRO A 250 35.77 -2.30 2.26
CA PRO A 250 36.96 -3.08 2.47
C PRO A 250 37.07 -3.50 3.94
N SER A 251 37.42 -4.75 4.16
CA SER A 251 37.50 -5.27 5.53
C SER A 251 38.52 -4.41 6.24
N GLY A 252 38.18 -4.02 7.48
CA GLY A 252 39.02 -3.18 8.29
C GLY A 252 38.73 -1.69 8.17
N GLN A 253 37.91 -1.29 7.23
CA GLN A 253 37.58 0.11 6.98
C GLN A 253 36.14 0.47 7.39
N GLU A 254 35.52 -0.44 8.10
CA GLU A 254 34.10 -0.31 8.52
C GLU A 254 33.79 1.04 9.23
N GLN A 255 34.71 1.48 10.06
CA GLN A 255 34.50 2.69 10.87
C GLN A 255 34.39 4.00 10.04
N ARG A 256 34.84 4.01 8.77
CA ARG A 256 34.63 5.16 7.87
C ARG A 256 33.16 5.44 7.49
N TYR A 257 32.31 4.41 7.62
CA TYR A 257 30.98 4.44 7.04
C TYR A 257 29.97 4.76 8.11
N THR A 258 29.03 5.64 7.79
CA THR A 258 27.91 5.91 8.71
C THR A 258 26.60 5.79 8.01
N CYS A 259 25.57 5.30 8.76
CA CYS A 259 24.24 5.17 8.19
C CYS A 259 23.43 6.24 8.86
N HIS A 260 22.66 6.98 8.09
CA HIS A 260 21.93 8.12 8.60
C HIS A 260 20.45 7.87 8.42
N VAL A 261 19.70 8.06 9.48
CA VAL A 261 18.29 7.68 9.52
C VAL A 261 17.45 8.89 9.81
N GLN A 262 16.53 9.21 8.90
CA GLN A 262 15.64 10.34 9.08
C GLN A 262 14.19 9.87 9.13
N HIS A 263 13.44 10.34 10.13
CA HIS A 263 12.05 9.91 10.31
C HIS A 263 11.34 10.95 11.15
N GLU A 264 10.04 11.08 10.91
CA GLU A 264 9.18 12.05 11.67
C GLU A 264 9.31 11.84 13.20
N GLY A 265 9.49 10.60 13.60
CA GLY A 265 9.67 10.24 15.03
C GLY A 265 10.98 10.62 15.67
N LEU A 266 11.93 11.10 14.89
CA LEU A 266 13.28 11.38 15.36
C LEU A 266 13.47 12.90 15.40
N PRO A 267 13.51 13.49 16.60
CA PRO A 267 13.77 14.94 16.58
C PRO A 267 15.09 15.32 15.88
N LYS A 268 16.11 14.52 16.01
CA LYS A 268 17.32 14.69 15.19
C LYS A 268 17.60 13.39 14.49
N PRO A 269 18.15 13.42 13.29
CA PRO A 269 18.51 12.12 12.66
C PRO A 269 19.51 11.29 13.49
N LEU A 270 19.42 9.98 13.34
CA LEU A 270 20.33 9.06 13.99
C LEU A 270 21.48 8.77 13.06
N THR A 271 22.65 8.56 13.65
CA THR A 271 23.82 8.16 12.89
C THR A 271 24.32 6.85 13.50
N LEU A 272 24.47 5.81 12.69
CA LEU A 272 24.99 4.55 13.20
C LEU A 272 26.38 4.35 12.60
N ARG A 273 27.26 3.73 13.36
CA ARG A 273 28.64 3.47 12.94
C ARG A 273 29.09 2.14 13.51
N TRP A 274 29.73 1.29 12.71
CA TRP A 274 30.29 0.00 13.18
C TRP A 274 31.60 0.36 13.84
N GLU A 275 31.52 0.45 15.14
CA GLU A 275 32.62 0.59 16.06
C GLU A 275 32.51 -0.38 17.28
N PRO A 276 31.36 -1.11 17.45
CA PRO A 276 31.59 -2.49 17.89
C PRO A 276 32.47 -3.22 16.86
N MET B 1 -4.41 -1.72 -21.08
CA MET B 1 -3.87 -3.05 -20.67
C MET B 1 -2.35 -2.98 -20.29
N ILE B 2 -1.89 -2.02 -19.44
CA ILE B 2 -0.45 -2.14 -19.03
C ILE B 2 -0.37 -3.26 -18.05
N GLN B 3 0.76 -3.92 -18.16
CA GLN B 3 1.11 -5.00 -17.29
C GLN B 3 2.41 -4.63 -16.62
N ARG B 4 2.51 -4.92 -15.32
CA ARG B 4 3.72 -4.74 -14.54
C ARG B 4 4.00 -5.98 -13.70
N THR B 5 5.28 -6.39 -13.70
CA THR B 5 5.68 -7.59 -13.00
C THR B 5 5.88 -7.31 -11.50
N PRO B 6 5.57 -8.30 -10.64
CA PRO B 6 5.71 -8.06 -9.20
C PRO B 6 7.16 -8.06 -8.66
N LYS B 7 7.43 -7.11 -7.80
CA LYS B 7 8.54 -7.19 -6.89
C LYS B 7 8.18 -8.06 -5.71
N ILE B 8 9.16 -8.79 -5.17
CA ILE B 8 8.91 -9.72 -4.10
C ILE B 8 9.97 -9.58 -2.98
N GLN B 9 9.51 -9.43 -1.73
CA GLN B 9 10.38 -9.62 -0.57
C GLN B 9 9.83 -10.66 0.40
N VAL B 10 10.71 -11.50 0.93
CA VAL B 10 10.39 -12.52 1.85
C VAL B 10 11.23 -12.29 3.13
N TYR B 11 10.55 -12.21 4.27
CA TYR B 11 11.17 -11.78 5.51
C TYR B 11 10.31 -12.16 6.70
N SER B 12 10.96 -12.20 7.86
CA SER B 12 10.22 -12.33 9.12
C SER B 12 9.80 -11.03 9.70
N ARG B 13 8.70 -11.07 10.48
CA ARG B 13 8.22 -9.86 11.18
C ARG B 13 9.24 -9.42 12.26
N HIS B 14 9.73 -10.40 13.01
CA HIS B 14 10.72 -10.19 14.10
C HIS B 14 12.04 -10.84 13.72
N PRO B 15 13.15 -10.36 14.32
CA PRO B 15 14.43 -11.06 14.12
C PRO B 15 14.29 -12.52 14.45
N ALA B 16 14.74 -13.35 13.55
CA ALA B 16 14.47 -14.74 13.68
C ALA B 16 15.38 -15.38 14.72
N GLU B 17 14.77 -16.20 15.59
CA GLU B 17 15.51 -16.99 16.53
C GLU B 17 14.93 -18.38 16.51
N ASN B 18 15.80 -19.38 16.41
CA ASN B 18 15.35 -20.78 16.33
C ASN B 18 14.50 -21.12 17.55
N GLY B 19 13.32 -21.71 17.31
CA GLY B 19 12.44 -22.15 18.38
C GLY B 19 11.52 -21.08 18.93
N LYS B 20 11.63 -19.85 18.45
CA LYS B 20 10.72 -18.81 18.86
C LYS B 20 9.72 -18.45 17.76
N SER B 21 8.45 -18.53 18.10
CA SER B 21 7.33 -18.26 17.18
C SER B 21 7.46 -16.86 16.53
N ASN B 22 7.02 -16.74 15.29
CA ASN B 22 7.31 -15.58 14.52
C ASN B 22 6.25 -15.52 13.39
N PHE B 23 6.40 -14.57 12.50
CA PHE B 23 5.56 -14.47 11.28
C PHE B 23 6.44 -14.40 10.04
N LEU B 24 6.10 -15.21 9.05
CA LEU B 24 6.82 -15.24 7.78
C LEU B 24 5.95 -14.43 6.79
N ASN B 25 6.57 -13.42 6.19
CA ASN B 25 5.93 -12.43 5.27
C ASN B 25 6.43 -12.63 3.86
N CYS B 26 5.51 -12.50 2.90
CA CYS B 26 5.86 -12.37 1.50
C CYS B 26 5.12 -11.12 1.01
N TYR B 27 5.89 -10.10 0.72
CA TYR B 27 5.35 -8.84 0.26
C TYR B 27 5.51 -8.76 -1.23
N VAL B 28 4.39 -8.59 -1.94
CA VAL B 28 4.37 -8.54 -3.41
C VAL B 28 3.84 -7.17 -3.75
N SER B 29 4.52 -6.49 -4.66
CA SER B 29 4.17 -5.09 -4.98
C SER B 29 4.60 -4.73 -6.38
N GLY B 30 4.13 -3.59 -6.81
CA GLY B 30 4.47 -3.11 -8.11
C GLY B 30 3.76 -3.82 -9.26
N PHE B 31 2.67 -4.56 -9.07
CA PHE B 31 2.20 -5.41 -10.16
C PHE B 31 0.87 -4.92 -10.74
N HIS B 32 0.57 -5.31 -11.95
CA HIS B 32 -0.72 -5.01 -12.62
C HIS B 32 -0.86 -6.01 -13.72
N PRO B 33 -2.01 -6.69 -13.93
CA PRO B 33 -3.24 -6.50 -13.18
C PRO B 33 -3.20 -7.18 -11.81
N SER B 34 -4.31 -7.11 -11.08
CA SER B 34 -4.29 -7.54 -9.70
C SER B 34 -4.33 -9.07 -9.43
N ASP B 35 -4.79 -9.88 -10.36
CA ASP B 35 -4.84 -11.34 -10.14
C ASP B 35 -3.42 -11.87 -9.96
N ILE B 36 -3.20 -12.53 -8.86
CA ILE B 36 -1.85 -13.01 -8.53
C ILE B 36 -2.02 -14.25 -7.63
N GLU B 37 -1.11 -15.21 -7.81
CA GLU B 37 -1.05 -16.42 -7.01
C GLU B 37 0.20 -16.39 -6.15
N VAL B 38 0.03 -16.47 -4.84
CA VAL B 38 1.17 -16.47 -3.90
C VAL B 38 1.02 -17.65 -2.92
N ASP B 39 2.07 -18.45 -2.79
CA ASP B 39 2.14 -19.51 -1.77
C ASP B 39 3.41 -19.31 -0.97
N LEU B 40 3.35 -19.59 0.33
CA LEU B 40 4.52 -19.70 1.18
C LEU B 40 4.83 -21.18 1.28
N LEU B 41 6.11 -21.51 1.33
CA LEU B 41 6.56 -22.89 1.20
C LEU B 41 7.50 -23.19 2.35
N LYS B 42 7.35 -24.38 2.92
CA LYS B 42 8.25 -24.92 3.95
C LYS B 42 8.89 -26.16 3.32
N ASN B 43 10.22 -26.16 3.21
CA ASN B 43 10.92 -27.25 2.49
C ASN B 43 10.24 -27.68 1.17
N GLY B 44 9.90 -26.70 0.34
CA GLY B 44 9.20 -26.96 -0.91
C GLY B 44 7.69 -27.21 -0.87
N GLU B 45 7.08 -27.37 0.31
CA GLU B 45 5.69 -27.76 0.40
C GLU B 45 4.84 -26.57 0.75
N ARG B 46 3.71 -26.46 0.08
CA ARG B 46 2.76 -25.39 0.29
C ARG B 46 2.23 -25.35 1.74
N ILE B 47 2.33 -24.20 2.41
CA ILE B 47 1.79 -24.00 3.76
C ILE B 47 0.32 -23.64 3.64
N GLU B 48 -0.51 -24.29 4.45
CA GLU B 48 -1.99 -24.22 4.37
C GLU B 48 -2.62 -22.96 4.98
N LYS B 49 -2.12 -22.56 6.14
CA LYS B 49 -2.78 -21.48 6.90
C LYS B 49 -2.05 -20.18 6.52
N VAL B 50 -2.40 -19.61 5.37
CA VAL B 50 -1.75 -18.36 4.95
C VAL B 50 -2.83 -17.31 4.80
N GLU B 51 -2.65 -16.17 5.45
CA GLU B 51 -3.55 -15.02 5.29
C GLU B 51 -2.95 -13.95 4.40
N HIS B 52 -3.78 -13.02 3.96
CA HIS B 52 -3.26 -11.90 3.23
C HIS B 52 -4.02 -10.60 3.53
N SER B 53 -3.32 -9.50 3.32
CA SER B 53 -3.90 -8.11 3.45
C SER B 53 -4.96 -7.86 2.41
N ASP B 54 -5.73 -6.77 2.60
CA ASP B 54 -6.70 -6.39 1.62
C ASP B 54 -6.04 -5.64 0.47
N LEU B 55 -6.45 -5.95 -0.76
CA LEU B 55 -5.84 -5.35 -1.95
C LEU B 55 -5.87 -3.79 -1.95
N SER B 56 -4.71 -3.18 -2.12
CA SER B 56 -4.57 -1.75 -2.24
C SER B 56 -3.52 -1.44 -3.31
N PHE B 57 -3.36 -0.16 -3.60
CA PHE B 57 -2.46 0.22 -4.68
C PHE B 57 -1.72 1.51 -4.39
N SER B 58 -0.61 1.68 -5.10
CA SER B 58 0.31 2.76 -4.95
C SER B 58 0.00 3.93 -5.87
N LYS B 59 0.82 4.97 -5.76
CA LYS B 59 0.65 6.18 -6.46
C LYS B 59 0.66 5.98 -7.99
N ASP B 60 1.38 4.96 -8.47
CA ASP B 60 1.43 4.68 -9.90
C ASP B 60 0.38 3.63 -10.33
N TRP B 61 -0.61 3.41 -9.46
CA TRP B 61 -1.73 2.47 -9.65
C TRP B 61 -1.35 1.00 -9.53
N SER B 62 -0.08 0.69 -9.30
CA SER B 62 0.33 -0.72 -9.18
C SER B 62 -0.13 -1.26 -7.79
N PHE B 63 -0.39 -2.57 -7.73
CA PHE B 63 -1.03 -3.22 -6.58
C PHE B 63 0.02 -3.75 -5.63
N TYR B 64 -0.32 -3.83 -4.37
CA TYR B 64 0.51 -4.53 -3.38
C TYR B 64 -0.34 -5.37 -2.41
N LEU B 65 0.26 -6.46 -1.92
CA LEU B 65 -0.36 -7.39 -1.01
C LEU B 65 0.72 -7.98 -0.07
N LEU B 66 0.35 -8.14 1.20
CA LEU B 66 1.14 -8.93 2.14
C LEU B 66 0.49 -10.29 2.40
N TYR B 67 1.21 -11.36 2.17
CA TYR B 67 0.85 -12.69 2.54
C TYR B 67 1.72 -13.10 3.76
N TYR B 68 1.07 -13.71 4.74
CA TYR B 68 1.80 -14.05 5.98
C TYR B 68 1.28 -15.31 6.65
N THR B 69 2.17 -15.97 7.40
CA THR B 69 1.78 -17.05 8.23
C THR B 69 2.56 -17.06 9.49
N GLU B 70 1.99 -17.55 10.57
CA GLU B 70 2.83 -17.85 11.77
C GLU B 70 3.76 -18.98 11.48
N PHE B 71 4.99 -18.92 11.99
CA PHE B 71 5.88 -20.03 11.91
C PHE B 71 6.90 -19.99 13.02
N THR B 72 7.59 -21.09 13.16
CA THR B 72 8.66 -21.15 14.16
C THR B 72 9.91 -21.61 13.41
N PRO B 73 10.85 -20.69 13.20
CA PRO B 73 12.07 -21.07 12.51
C PRO B 73 12.92 -22.06 13.30
N THR B 74 13.67 -22.84 12.55
CA THR B 74 14.56 -23.85 13.09
C THR B 74 15.87 -23.76 12.30
N GLU B 75 16.90 -24.46 12.72
CA GLU B 75 18.17 -24.33 11.99
C GLU B 75 18.12 -24.81 10.53
N LYS B 76 17.38 -25.89 10.27
CA LYS B 76 17.44 -26.63 9.02
C LYS B 76 16.25 -26.42 8.06
N ASP B 77 15.12 -25.91 8.53
CA ASP B 77 13.95 -25.74 7.66
C ASP B 77 14.17 -24.56 6.75
N GLU B 78 13.86 -24.73 5.46
CA GLU B 78 13.91 -23.63 4.51
C GLU B 78 12.52 -23.13 4.18
N TYR B 79 12.42 -21.82 4.07
CA TYR B 79 11.17 -21.17 3.72
C TYR B 79 11.32 -20.35 2.44
N ALA B 80 10.24 -20.23 1.71
CA ALA B 80 10.24 -19.48 0.48
C ALA B 80 8.84 -18.98 0.14
N CYS B 81 8.79 -18.07 -0.82
CA CYS B 81 7.56 -17.56 -1.37
C CYS B 81 7.52 -17.89 -2.87
N ARG B 82 6.40 -18.40 -3.39
CA ARG B 82 6.31 -18.69 -4.84
C ARG B 82 5.15 -17.87 -5.40
N VAL B 83 5.42 -17.15 -6.49
CA VAL B 83 4.48 -16.17 -7.05
C VAL B 83 4.24 -16.45 -8.52
N ASN B 84 2.99 -16.44 -8.94
CA ASN B 84 2.66 -16.52 -10.35
C ASN B 84 1.78 -15.35 -10.73
N HIS B 85 2.00 -14.87 -11.94
CA HIS B 85 1.36 -13.64 -12.43
C HIS B 85 1.42 -13.73 -13.92
N VAL B 86 0.46 -13.06 -14.58
CA VAL B 86 0.41 -13.10 -16.02
C VAL B 86 1.71 -12.63 -16.72
N THR B 87 2.43 -11.71 -16.10
CA THR B 87 3.74 -11.24 -16.58
C THR B 87 4.89 -12.23 -16.47
N LEU B 88 4.72 -13.37 -15.84
CA LEU B 88 5.82 -14.31 -15.64
C LEU B 88 5.62 -15.52 -16.51
N SER B 89 6.65 -15.92 -17.24
CA SER B 89 6.56 -17.12 -18.05
C SER B 89 6.56 -18.38 -17.21
N GLN B 90 7.11 -18.32 -16.01
CA GLN B 90 6.94 -19.36 -14.98
C GLN B 90 6.95 -18.78 -13.56
N PRO B 91 6.46 -19.56 -12.58
CA PRO B 91 6.38 -18.98 -11.23
C PRO B 91 7.76 -18.62 -10.68
N LYS B 92 7.83 -17.53 -9.93
CA LYS B 92 9.08 -17.08 -9.37
C LYS B 92 9.14 -17.52 -7.92
N ILE B 93 10.29 -18.06 -7.52
CA ILE B 93 10.49 -18.46 -6.13
C ILE B 93 11.57 -17.61 -5.51
N VAL B 94 11.28 -17.05 -4.33
CA VAL B 94 12.30 -16.33 -3.59
C VAL B 94 12.45 -16.99 -2.22
N LYS B 95 13.67 -17.41 -1.89
CA LYS B 95 13.97 -18.01 -0.57
C LYS B 95 14.16 -16.97 0.55
N TRP B 96 13.66 -17.30 1.74
CA TRP B 96 13.87 -16.52 2.93
C TRP B 96 15.31 -16.57 3.40
N ASP B 97 15.91 -15.38 3.56
CA ASP B 97 17.22 -15.23 4.17
C ASP B 97 16.93 -14.44 5.43
N ARG B 98 17.35 -14.98 6.56
CA ARG B 98 16.98 -14.33 7.83
C ARG B 98 17.68 -12.99 8.07
N ASP B 99 18.72 -12.72 7.27
CA ASP B 99 19.45 -11.47 7.37
C ASP B 99 18.99 -10.44 6.36
N MET B 100 17.86 -10.63 5.69
CA MET B 100 17.39 -9.68 4.69
C MET B 100 15.88 -9.37 4.79
N SER C 1 -15.40 8.49 6.46
CA SER C 1 -16.82 8.43 5.95
C SER C 1 -16.78 8.64 4.45
N LEU C 2 -17.39 7.73 3.68
CA LEU C 2 -17.39 7.83 2.23
C LEU C 2 -18.26 8.96 1.69
N PHE C 3 -17.97 9.38 0.48
CA PHE C 3 -18.79 10.34 -0.25
C PHE C 3 -20.12 9.66 -0.62
N ASN C 4 -21.24 10.39 -0.55
CA ASN C 4 -22.54 9.78 -0.65
C ASN C 4 -22.91 9.30 -2.06
N THR C 5 -22.46 10.02 -3.10
CA THR C 5 -22.93 9.76 -4.45
C THR C 5 -21.83 9.90 -5.48
N ILE C 6 -21.08 8.83 -5.81
N ILE C 6 -21.22 8.79 -5.88
CA ILE C 6 -20.20 8.95 -7.01
CA ILE C 6 -20.25 8.81 -6.98
C ILE C 6 -20.97 8.77 -8.32
C ILE C 6 -20.92 8.71 -8.37
N ALA C 7 -20.80 9.75 -9.19
CA ALA C 7 -21.45 9.79 -10.51
C ALA C 7 -20.75 8.85 -11.48
N VAL C 8 -21.55 8.31 -12.40
CA VAL C 8 -21.02 7.49 -13.48
C VAL C 8 -20.29 8.31 -14.52
N LEU C 9 -19.33 7.68 -15.20
CA LEU C 9 -18.94 8.11 -16.51
C LEU C 9 -20.15 8.32 -17.45
#